data_9F70
#
_entry.id   9F70
#
_cell.length_a   93.471
_cell.length_b   93.471
_cell.length_c   33.178
_cell.angle_alpha   90.00
_cell.angle_beta   90.00
_cell.angle_gamma   120.00
#
_symmetry.space_group_name_H-M   'P 31 2 1'
#
loop_
_entity.id
_entity.type
_entity.pdbx_description
1 polymer 'Bromodomain adjacent to zinc finger domain protein 2A'
2 non-polymer 1-[5-[(3~{R})-3-[(1~{R})-1-azanylethyl]piperidin-1-yl]carbonyl-2-methyl-4-propyl-1~{H}-pyrrol-3-yl]ethanone
3 non-polymer 1,2-ETHANEDIOL
4 water water
#
_entity_poly.entity_id   1
_entity_poly.type   'polypeptide(L)'
_entity_poly.pdbx_seq_one_letter_code
;SMHSDLTFCEIILMEMESHDAAWPFLEPVNPRLVSGYRRIIKNPMDFSTMRHRLSRGGYTSSEEFAADALLVFDNCQTFN
EDDSEVGKAGHIMRRFFESRWEEFY
;
_entity_poly.pdbx_strand_id   A
#
loop_
_chem_comp.id
_chem_comp.type
_chem_comp.name
_chem_comp.formula
A1IAA non-polymer 1-[5-[(3~{R})-3-[(1~{R})-1-azanylethyl]piperidin-1-yl]carbonyl-2-methyl-4-propyl-1~{H}-pyrrol-3-yl]ethanone 'C18 H29 N3 O2'
EDO non-polymer 1,2-ETHANEDIOL 'C2 H6 O2'
#
# COMPACT_ATOMS: atom_id res chain seq x y z
N HIS A 3 21.61 -0.45 -5.47
CA HIS A 3 20.51 -0.65 -6.42
C HIS A 3 19.72 0.65 -6.60
N SER A 4 19.50 1.05 -7.86
CA SER A 4 18.70 2.24 -8.12
C SER A 4 17.20 1.92 -8.09
N ASP A 5 16.82 0.68 -8.40
CA ASP A 5 15.45 0.26 -8.19
C ASP A 5 15.10 0.29 -6.70
N LEU A 6 15.98 -0.26 -5.88
CA LEU A 6 15.62 -0.26 -4.45
C LEU A 6 15.77 1.16 -3.91
N THR A 7 16.44 2.03 -4.65
CA THR A 7 16.62 3.38 -4.11
C THR A 7 15.31 4.14 -4.25
N PHE A 8 14.51 3.83 -5.29
CA PHE A 8 13.32 4.65 -5.50
C PHE A 8 12.13 4.21 -4.65
N CYS A 9 11.91 2.89 -4.51
CA CYS A 9 10.82 2.41 -3.65
C CYS A 9 11.00 2.95 -2.25
N GLU A 10 12.25 3.07 -1.81
CA GLU A 10 12.53 3.65 -0.52
C GLU A 10 12.05 5.10 -0.47
N ILE A 11 12.32 5.87 -1.53
CA ILE A 11 11.80 7.24 -1.60
C ILE A 11 10.28 7.23 -1.62
N ILE A 12 9.69 6.43 -2.49
CA ILE A 12 8.25 6.50 -2.65
C ILE A 12 7.54 5.94 -1.42
N LEU A 13 8.15 4.97 -0.71
CA LEU A 13 7.50 4.48 0.50
C LEU A 13 7.54 5.53 1.59
N MET A 14 8.68 6.21 1.74
CA MET A 14 8.76 7.28 2.72
C MET A 14 7.70 8.34 2.46
N GLU A 15 7.42 8.62 1.18
CA GLU A 15 6.44 9.64 0.83
C GLU A 15 5.02 9.15 1.11
N MET A 16 4.74 7.90 0.78
CA MET A 16 3.43 7.34 1.10
C MET A 16 3.23 7.23 2.61
N GLU A 17 4.29 6.93 3.35
CA GLU A 17 4.16 6.76 4.79
C GLU A 17 3.76 8.07 5.48
N SER A 18 4.28 9.21 5.00
CA SER A 18 4.02 10.51 5.61
C SER A 18 2.84 11.26 4.99
N HIS A 19 2.34 10.81 3.84
CA HIS A 19 1.17 11.41 3.21
C HIS A 19 0.01 11.54 4.19
N ASP A 20 -0.81 12.56 3.99
CA ASP A 20 -2.01 12.77 4.82
C ASP A 20 -2.96 11.60 4.72
N ALA A 21 -3.24 11.14 3.49
CA ALA A 21 -4.23 10.12 3.22
C ALA A 21 -3.73 8.69 3.51
N ALA A 22 -2.57 8.55 4.16
CA ALA A 22 -1.98 7.25 4.45
C ALA A 22 -2.54 6.61 5.71
N TRP A 23 -3.38 7.30 6.46
CA TRP A 23 -3.78 6.80 7.77
C TRP A 23 -4.44 5.42 7.78
N PRO A 24 -5.13 4.93 6.74
CA PRO A 24 -5.67 3.57 6.82
C PRO A 24 -4.68 2.48 6.45
N PHE A 25 -3.46 2.83 6.08
CA PHE A 25 -2.55 1.87 5.47
C PHE A 25 -1.24 1.77 6.24
N LEU A 26 -1.18 2.31 7.45
CA LEU A 26 0.07 2.33 8.19
C LEU A 26 0.27 1.09 9.06
N GLU A 27 -0.78 0.33 9.31
CA GLU A 27 -0.62 -0.94 10.02
C GLU A 27 -1.65 -1.91 9.43
N PRO A 28 -1.52 -3.22 9.69
CA PRO A 28 -2.49 -4.19 9.17
C PRO A 28 -3.90 -3.98 9.73
N VAL A 29 -4.88 -4.26 8.88
CA VAL A 29 -6.27 -4.35 9.34
C VAL A 29 -6.38 -5.50 10.32
N ASN A 30 -7.01 -5.25 11.47
CA ASN A 30 -7.21 -6.33 12.44
C ASN A 30 -8.50 -7.07 12.13
N PRO A 31 -8.43 -8.28 11.57
CA PRO A 31 -9.67 -8.99 11.19
C PRO A 31 -10.63 -9.24 12.36
N ARG A 32 -10.15 -9.27 13.60
CA ARG A 32 -11.08 -9.36 14.72
C ARG A 32 -11.99 -8.14 14.79
N LEU A 33 -11.49 -6.96 14.36
CA LEU A 33 -12.21 -5.70 14.47
C LEU A 33 -13.07 -5.37 13.26
N VAL A 34 -12.84 -6.01 12.12
CA VAL A 34 -13.58 -5.69 10.89
C VAL A 34 -14.29 -6.96 10.41
N SER A 35 -15.61 -6.96 10.55
CA SER A 35 -16.45 -8.05 10.08
C SER A 35 -16.32 -8.26 8.58
N GLY A 36 -16.01 -9.48 8.18
CA GLY A 36 -15.96 -9.85 6.79
C GLY A 36 -14.58 -9.81 6.16
N TYR A 37 -13.59 -9.23 6.85
CA TYR A 37 -12.33 -8.90 6.19
C TYR A 37 -11.52 -10.14 5.85
N ARG A 38 -11.44 -11.09 6.78
CA ARG A 38 -10.71 -12.34 6.54
C ARG A 38 -11.29 -13.07 5.35
N ARG A 39 -12.61 -13.13 5.27
CA ARG A 39 -13.28 -13.89 4.23
C ARG A 39 -13.07 -13.25 2.85
N ILE A 40 -13.09 -11.91 2.77
CA ILE A 40 -13.05 -11.21 1.49
C ILE A 40 -11.64 -10.90 0.99
N ILE A 41 -10.70 -10.63 1.89
CA ILE A 41 -9.38 -10.18 1.49
C ILE A 41 -8.40 -11.32 1.72
N LYS A 42 -8.00 -11.96 0.66
CA LYS A 42 -7.10 -13.13 0.76
C LYS A 42 -5.68 -12.75 1.16
N ASN A 43 -5.13 -11.67 0.61
CA ASN A 43 -3.72 -11.35 0.81
C ASN A 43 -3.60 -9.93 1.34
N PRO A 44 -3.83 -9.74 2.64
CA PRO A 44 -3.70 -8.40 3.23
C PRO A 44 -2.31 -7.82 2.99
N MET A 45 -2.28 -6.49 2.82
CA MET A 45 -1.05 -5.76 2.59
C MET A 45 -1.20 -4.36 3.16
N ASP A 46 -0.08 -3.78 3.56
CA ASP A 46 -0.07 -2.47 4.18
C ASP A 46 1.35 -1.90 4.10
N PHE A 47 1.50 -0.62 4.46
CA PHE A 47 2.80 0.03 4.28
C PHE A 47 3.82 -0.51 5.27
N SER A 48 3.41 -0.74 6.52
CA SER A 48 4.34 -1.26 7.51
C SER A 48 4.87 -2.64 7.13
N THR A 49 4.02 -3.48 6.54
CA THR A 49 4.49 -4.76 6.01
C THR A 49 5.48 -4.56 4.88
N MET A 50 5.20 -3.63 3.97
CA MET A 50 6.16 -3.27 2.93
C MET A 50 7.44 -2.70 3.55
N ARG A 51 7.29 -1.86 4.58
CA ARG A 51 8.45 -1.32 5.26
C ARG A 51 9.28 -2.44 5.88
N HIS A 52 8.63 -3.39 6.56
CA HIS A 52 9.34 -4.52 7.12
C HIS A 52 10.07 -5.31 6.03
N ARG A 53 9.37 -5.60 4.92
CA ARG A 53 10.01 -6.38 3.86
C ARG A 53 11.20 -5.66 3.27
N LEU A 54 11.15 -4.33 3.19
CA LEU A 54 12.28 -3.54 2.70
C LEU A 54 13.46 -3.59 3.68
N SER A 55 13.21 -3.29 4.97
CA SER A 55 14.25 -3.30 5.99
C SER A 55 14.98 -4.64 6.10
N ARG A 56 14.31 -5.74 5.74
CA ARG A 56 14.88 -7.08 5.80
C ARG A 56 15.60 -7.47 4.50
N GLY A 57 15.47 -6.67 3.45
CA GLY A 57 16.04 -7.06 2.18
C GLY A 57 15.16 -8.00 1.39
N GLY A 58 13.87 -8.08 1.72
CA GLY A 58 12.96 -9.06 1.16
C GLY A 58 12.53 -8.81 -0.26
N TYR A 59 12.69 -7.60 -0.78
CA TYR A 59 12.41 -7.33 -2.18
C TYR A 59 13.66 -7.61 -3.00
N THR A 60 13.46 -8.15 -4.19
CA THR A 60 14.54 -8.32 -5.17
C THR A 60 14.50 -7.22 -6.22
N SER A 61 13.38 -7.09 -6.90
CA SER A 61 13.19 -6.09 -7.93
C SER A 61 12.16 -5.07 -7.49
N SER A 62 12.15 -3.94 -8.18
CA SER A 62 11.13 -2.93 -7.89
C SER A 62 9.74 -3.37 -8.30
N GLU A 63 9.62 -4.32 -9.24
CA GLU A 63 8.31 -4.85 -9.59
C GLU A 63 7.63 -5.52 -8.41
N GLU A 64 8.40 -6.29 -7.63
CA GLU A 64 7.83 -6.91 -6.43
C GLU A 64 7.29 -5.85 -5.48
N PHE A 65 8.02 -4.75 -5.32
CA PHE A 65 7.53 -3.63 -4.53
C PHE A 65 6.24 -3.07 -5.10
N ALA A 66 6.21 -2.90 -6.42
CA ALA A 66 5.01 -2.36 -7.05
C ALA A 66 3.81 -3.27 -6.81
N ALA A 67 4.03 -4.58 -6.90
CA ALA A 67 2.96 -5.54 -6.65
C ALA A 67 2.36 -5.32 -5.27
N ASP A 68 3.20 -5.18 -4.25
CA ASP A 68 2.67 -4.98 -2.91
C ASP A 68 1.93 -3.67 -2.78
N ALA A 69 2.47 -2.59 -3.34
CA ALA A 69 1.75 -1.32 -3.30
C ALA A 69 0.38 -1.44 -3.94
N LEU A 70 0.32 -2.02 -5.14
CA LEU A 70 -0.95 -2.14 -5.83
C LEU A 70 -1.93 -3.03 -5.05
N LEU A 71 -1.40 -4.04 -4.36
CA LEU A 71 -2.25 -4.91 -3.57
C LEU A 71 -2.95 -4.13 -2.46
N VAL A 72 -2.24 -3.19 -1.84
CA VAL A 72 -2.87 -2.35 -0.83
C VAL A 72 -4.13 -1.70 -1.39
N PHE A 73 -4.05 -1.18 -2.63
CA PHE A 73 -5.17 -0.40 -3.16
C PHE A 73 -6.22 -1.28 -3.81
N ASP A 74 -5.82 -2.39 -4.42
CA ASP A 74 -6.80 -3.38 -4.86
C ASP A 74 -7.61 -3.92 -3.68
N ASN A 75 -6.92 -4.24 -2.58
CA ASN A 75 -7.64 -4.68 -1.38
C ASN A 75 -8.58 -3.60 -0.88
N CYS A 76 -8.11 -2.35 -0.93
CA CYS A 76 -8.92 -1.24 -0.44
C CYS A 76 -10.21 -1.10 -1.23
N GLN A 77 -10.11 -1.19 -2.56
CA GLN A 77 -11.28 -1.06 -3.41
C GLN A 77 -12.14 -2.31 -3.45
N THR A 78 -11.57 -3.47 -3.12
CA THR A 78 -12.39 -4.67 -2.99
C THR A 78 -13.26 -4.61 -1.76
N PHE A 79 -12.72 -4.12 -0.64
CA PHE A 79 -13.49 -4.17 0.60
C PHE A 79 -14.28 -2.89 0.87
N ASN A 80 -13.72 -1.72 0.55
CA ASN A 80 -14.36 -0.48 0.96
C ASN A 80 -15.09 0.17 -0.19
N GLU A 81 -16.20 0.82 0.15
CA GLU A 81 -16.91 1.64 -0.82
C GLU A 81 -16.06 2.83 -1.23
N ASP A 82 -16.14 3.18 -2.52
CA ASP A 82 -15.40 4.34 -3.03
C ASP A 82 -15.76 5.61 -2.28
N ASP A 83 -17.01 5.76 -1.86
CA ASP A 83 -17.41 6.95 -1.12
C ASP A 83 -17.28 6.77 0.39
N SER A 84 -16.56 5.77 0.85
CA SER A 84 -16.34 5.63 2.27
C SER A 84 -15.04 6.32 2.63
N GLU A 85 -14.89 6.59 3.92
CA GLU A 85 -13.74 7.37 4.39
C GLU A 85 -12.42 6.68 4.03
N VAL A 86 -12.29 5.39 4.35
CA VAL A 86 -11.08 4.66 3.95
C VAL A 86 -10.98 4.58 2.44
N GLY A 87 -12.11 4.40 1.75
CA GLY A 87 -12.08 4.29 0.31
C GLY A 87 -11.56 5.55 -0.36
N LYS A 88 -12.08 6.72 0.07
CA LYS A 88 -11.59 7.98 -0.48
C LYS A 88 -10.09 8.11 -0.26
N ALA A 89 -9.63 7.78 0.95
CA ALA A 89 -8.20 7.89 1.26
C ALA A 89 -7.37 6.97 0.36
N GLY A 90 -7.91 5.79 0.03
CA GLY A 90 -7.17 4.87 -0.81
C GLY A 90 -7.04 5.37 -2.24
N HIS A 91 -8.09 6.00 -2.75
CA HIS A 91 -8.02 6.60 -4.08
C HIS A 91 -6.97 7.69 -4.15
N ILE A 92 -6.95 8.58 -3.16
CA ILE A 92 -5.91 9.60 -3.09
C ILE A 92 -4.53 8.94 -3.08
N MET A 93 -4.40 7.85 -2.34
CA MET A 93 -3.09 7.22 -2.20
C MET A 93 -2.70 6.47 -3.46
N ARG A 94 -3.67 5.90 -4.15
CA ARG A 94 -3.41 5.11 -5.34
C ARG A 94 -3.00 6.02 -6.49
N ARG A 95 -3.74 7.11 -6.71
CA ARG A 95 -3.33 8.09 -7.70
C ARG A 95 -1.94 8.64 -7.41
N PHE A 96 -1.64 8.93 -6.13
CA PHE A 96 -0.29 9.37 -5.77
C PHE A 96 0.76 8.34 -6.16
N PHE A 97 0.54 7.07 -5.79
CA PHE A 97 1.52 6.04 -6.10
C PHE A 97 1.70 5.87 -7.60
N GLU A 98 0.60 5.70 -8.33
CA GLU A 98 0.70 5.47 -9.76
C GLU A 98 1.46 6.59 -10.43
N SER A 99 1.09 7.84 -10.15
CA SER A 99 1.75 8.96 -10.80
C SER A 99 3.23 9.01 -10.42
N ARG A 100 3.52 8.94 -9.13
CA ARG A 100 4.92 8.99 -8.68
C ARG A 100 5.74 7.85 -9.28
N TRP A 101 5.17 6.64 -9.33
CA TRP A 101 5.87 5.50 -9.93
C TRP A 101 6.16 5.74 -11.41
N GLU A 102 5.20 6.31 -12.13
CA GLU A 102 5.40 6.60 -13.55
C GLU A 102 6.37 7.75 -13.76
N GLU A 103 6.37 8.73 -12.86
CA GLU A 103 7.35 9.81 -12.91
C GLU A 103 8.78 9.31 -12.83
N PHE A 104 9.01 8.05 -12.48
CA PHE A 104 10.35 7.48 -12.52
C PHE A 104 10.60 6.40 -13.55
N TYR A 105 9.69 5.45 -13.70
CA TYR A 105 9.86 4.36 -14.67
C TYR A 105 9.03 4.61 -15.92
C10 A1IAA B . -10.30 -1.75 5.47
C10 A1IAA B . -10.27 -1.79 5.41
C12 A1IAA B . -11.46 -2.55 6.06
C12 A1IAA B . -11.41 -2.62 6.01
C13 A1IAA B . -8.53 1.46 9.20
C13 A1IAA B . -8.58 1.43 9.16
C16 A1IAA B . -5.93 0.98 9.57
C16 A1IAA B . -6.02 0.85 9.60
C17 A1IAA B . -5.45 0.11 10.72
C17 A1IAA B . -5.46 0.12 10.82
C18 A1IAA B . -5.59 0.68 12.10
C18 A1IAA B . -5.67 0.82 12.11
C19 A1IAA B . -6.60 1.73 12.35
C19 A1IAA B . -5.96 2.26 11.92
C20 A1IAA B . -7.11 2.48 11.13
C20 A1IAA B . -7.25 2.40 11.15
C21 A1IAA B . -6.05 2.73 13.38
C21 A1IAA B . -6.12 2.96 13.27
C22 A1IAA B . -6.45 4.20 13.07
C22 A1IAA B . -7.04 4.20 13.19
C01 A1IAA B . -13.48 0.02 8.77
C01 A1IAA B . -13.46 0.04 8.76
C02 A1IAA B . -12.18 0.50 8.07
C02 A1IAA B . -12.18 0.49 8.05
C03 A1IAA B . -10.99 -0.37 8.46
C03 A1IAA B . -11.01 -0.42 8.40
C04 A1IAA B . -9.75 -0.19 7.55
C04 A1IAA B . -9.75 -0.23 7.49
C05 A1IAA B . -8.66 0.60 7.91
C05 A1IAA B . -8.68 0.57 7.86
C07 A1IAA B . -8.18 -0.28 5.94
C07 A1IAA B . -8.18 -0.30 5.89
C08 A1IAA B . -7.38 -0.58 4.68
C08 A1IAA B . -7.37 -0.60 4.64
C09 A1IAA B . -9.45 -0.77 6.31
C09 A1IAA B . -9.44 -0.80 6.27
N06 A1IAA B . -7.75 0.53 6.93
N06 A1IAA B . -7.76 0.51 6.89
N15 A1IAA B . -7.23 1.63 9.91
N15 A1IAA B . -7.32 1.55 9.92
N23 A1IAA B . -6.54 2.39 14.70
N23 A1IAA B . -4.82 3.34 13.78
O11 A1IAA B . -10.05 -1.90 4.32
O11 A1IAA B . -10.03 -1.93 4.25
O14 A1IAA B . -9.47 2.06 9.61
O14 A1IAA B . -9.52 2.05 9.53
C1 EDO C . -9.27 -1.04 12.87
O1 EDO C . -10.66 -0.70 12.92
C2 EDO C . -9.14 -2.46 12.31
O2 EDO C . -7.76 -2.83 12.27
#